data_5FV7
#
_entry.id   5FV7
#
_cell.length_a   43.339
_cell.length_b   50.193
_cell.length_c   66.945
_cell.angle_alpha   102.06
_cell.angle_beta   94.01
_cell.angle_gamma   90.74
#
_symmetry.space_group_name_H-M   'P 1'
#
loop_
_entity.id
_entity.type
_entity.pdbx_description
1 polymer 'FLAP ENDONUCLEASE 1'
2 non-polymer 'MAGNESIUM ION'
3 non-polymer 1-[(2S)-2,3-dihydro-1,4-benzodioxin-2-ylmethyl]-3-hydroxythieno[3,2-d]pyrimidine-2,4(1H,3H)-dione
4 water water
#
_entity_poly.entity_id   1
_entity_poly.type   'polypeptide(L)'
_entity_poly.pdbx_seq_one_letter_code
;MGIQGLAKLIADVAPSAIRENDIKSYFGRKVAIDASMSIYQFLIAVRQGGDVLQNEEGETTSHLMGMFYRTIRMMENGIK
PVYVFDGKPPQLKSGELAKRSERRAEAEKQLQQAQAAGAEQEVEKFTKRLVKVTKQHNDECKHLLSLMGIPYLDAPSEAE
ASCAALVKAGKVYAAATEDMDCLTFGSPVLMRHLTASEAKKLPIQEFHLSRILQELGLNQEQFVDLCILLGSDYCESIRG
IGPKRAVDLIQKHKSIEEIVRRLDPNKYPVPENWLHKEAHQLFLEPEVLDPESVELKWSEPNEEELIKFMCGEKQFSEER
IRSGVKRLSKSRQGSTLEVLFQGPGGGHHHHHH
;
_entity_poly.pdbx_strand_id   A,B
#
# COMPACT_ATOMS: atom_id res chain seq x y z
N GLY A 2 7.57 18.72 -8.48
CA GLY A 2 8.85 18.43 -9.17
C GLY A 2 10.00 18.16 -8.21
N ILE A 3 10.74 17.10 -8.50
CA ILE A 3 12.00 16.79 -7.81
C ILE A 3 13.14 17.16 -8.73
N GLN A 4 13.90 18.18 -8.32
CA GLN A 4 15.04 18.70 -9.08
C GLN A 4 16.12 17.64 -9.32
N GLY A 5 16.14 17.08 -10.52
CA GLY A 5 17.22 16.18 -10.95
C GLY A 5 17.11 14.70 -10.57
N LEU A 6 15.89 14.24 -10.29
CA LEU A 6 15.69 12.83 -9.96
C LEU A 6 15.84 11.91 -11.17
N ALA A 7 15.32 12.35 -12.32
CA ALA A 7 15.39 11.59 -13.57
C ALA A 7 16.82 11.20 -13.94
N LYS A 8 17.75 12.15 -13.81
CA LYS A 8 19.17 11.93 -14.14
C LYS A 8 19.84 11.04 -13.09
N LEU A 9 19.38 11.16 -11.84
CA LEU A 9 19.92 10.35 -10.74
C LEU A 9 19.65 8.86 -10.95
N ILE A 10 18.40 8.54 -11.26
CA ILE A 10 17.94 7.16 -11.44
C ILE A 10 18.71 6.48 -12.57
N ALA A 11 18.74 7.14 -13.72
CA ALA A 11 19.46 6.66 -14.89
C ALA A 11 20.93 6.32 -14.62
N ASP A 12 21.50 6.98 -13.60
CA ASP A 12 22.92 6.87 -13.32
C ASP A 12 23.25 5.81 -12.29
N VAL A 13 22.52 5.80 -11.19
CA VAL A 13 22.82 4.93 -10.06
C VAL A 13 21.77 3.82 -9.84
N ALA A 14 20.64 3.89 -10.57
CA ALA A 14 19.61 2.84 -10.54
C ALA A 14 18.97 2.60 -11.93
N PRO A 15 19.78 2.44 -12.98
CA PRO A 15 19.26 2.29 -14.34
C PRO A 15 18.27 1.14 -14.53
N SER A 16 18.31 0.13 -13.66
CA SER A 16 17.46 -1.06 -13.83
C SER A 16 15.97 -0.77 -13.61
N ALA A 17 15.66 0.46 -13.20
CA ALA A 17 14.28 0.92 -13.00
C ALA A 17 13.65 1.53 -14.26
N ILE A 18 14.47 2.09 -15.14
CA ILE A 18 13.97 2.69 -16.39
C ILE A 18 14.00 1.71 -17.56
N ARG A 19 12.82 1.34 -18.04
CA ARG A 19 12.70 0.45 -19.19
C ARG A 19 12.00 1.16 -20.35
N GLU A 20 12.75 1.43 -21.41
CA GLU A 20 12.24 2.20 -22.56
C GLU A 20 11.43 1.37 -23.53
N ASN A 21 10.15 1.71 -23.69
CA ASN A 21 9.22 0.95 -24.52
C ASN A 21 8.47 1.78 -25.57
N ASP A 22 7.96 1.08 -26.59
CA ASP A 22 7.17 1.68 -27.66
C ASP A 22 5.71 1.76 -27.21
N ILE A 23 5.04 2.84 -27.59
CA ILE A 23 3.63 3.07 -27.26
C ILE A 23 2.72 1.87 -27.62
N LYS A 24 3.19 1.04 -28.55
CA LYS A 24 2.42 -0.11 -29.05
C LYS A 24 2.34 -1.27 -28.08
N SER A 25 3.33 -1.40 -27.21
CA SER A 25 3.35 -2.51 -26.25
C SER A 25 2.44 -2.30 -25.04
N TYR A 26 1.92 -1.08 -24.87
CA TYR A 26 0.94 -0.78 -23.82
C TYR A 26 -0.51 -0.93 -24.31
N PHE A 27 -0.72 -1.81 -25.29
CA PHE A 27 -2.06 -2.06 -25.81
C PHE A 27 -2.98 -2.61 -24.72
N GLY A 28 -4.22 -2.14 -24.72
CA GLY A 28 -5.24 -2.59 -23.78
C GLY A 28 -4.93 -2.33 -22.33
N ARG A 29 -4.26 -1.20 -22.05
CA ARG A 29 -3.73 -0.93 -20.73
C ARG A 29 -4.24 0.41 -20.19
N LYS A 30 -4.85 0.35 -19.00
CA LYS A 30 -5.29 1.55 -18.28
C LYS A 30 -4.08 2.30 -17.69
N VAL A 31 -3.98 3.60 -17.98
CA VAL A 31 -2.97 4.45 -17.32
C VAL A 31 -3.63 5.70 -16.72
N ALA A 32 -3.17 6.14 -15.56
CA ALA A 32 -3.72 7.33 -14.92
C ALA A 32 -2.92 8.56 -15.36
N ILE A 33 -3.60 9.49 -16.01
CA ILE A 33 -2.91 10.60 -16.66
C ILE A 33 -3.01 11.90 -15.88
N ASP A 34 -1.84 12.42 -15.51
CA ASP A 34 -1.72 13.62 -14.71
C ASP A 34 -2.12 14.81 -15.58
N ALA A 35 -3.40 15.18 -15.50
CA ALA A 35 -3.99 16.17 -16.39
C ALA A 35 -3.30 17.52 -16.42
N SER A 36 -2.89 18.02 -15.25
CA SER A 36 -2.19 19.31 -15.16
C SER A 36 -0.86 19.26 -15.88
N MET A 37 -0.13 18.17 -15.70
CA MET A 37 1.16 17.96 -16.35
C MET A 37 1.00 17.70 -17.85
N SER A 38 -0.13 17.11 -18.23
CA SER A 38 -0.41 16.83 -19.62
C SER A 38 -0.80 18.09 -20.38
N ILE A 39 -1.54 18.99 -19.71
CA ILE A 39 -1.89 20.30 -20.28
C ILE A 39 -0.64 21.15 -20.47
N TYR A 40 0.26 21.09 -19.48
CA TYR A 40 1.57 21.71 -19.53
C TYR A 40 2.31 21.31 -20.79
N GLN A 41 2.19 20.03 -21.15
CA GLN A 41 2.80 19.50 -22.36
C GLN A 41 2.17 20.10 -23.60
N PHE A 42 0.83 20.14 -23.61
CA PHE A 42 0.07 20.60 -24.76
C PHE A 42 0.24 22.10 -25.04
N LEU A 43 0.47 22.88 -23.99
CA LEU A 43 0.79 24.31 -24.14
C LEU A 43 2.22 24.54 -24.67
N ILE A 44 2.77 23.52 -25.33
CA ILE A 44 4.05 23.66 -26.04
C ILE A 44 3.92 23.16 -27.48
N THR A 60 -5.76 30.93 -27.20
CA THR A 60 -5.39 29.76 -27.99
C THR A 60 -5.87 28.48 -27.32
N THR A 61 -6.67 27.70 -28.04
CA THR A 61 -7.26 26.47 -27.49
C THR A 61 -6.33 25.26 -27.61
N SER A 62 -5.04 25.52 -27.79
CA SER A 62 -3.98 24.51 -27.89
C SER A 62 -4.10 23.33 -26.89
N HIS A 63 -4.53 23.62 -25.67
CA HIS A 63 -4.69 22.61 -24.63
C HIS A 63 -5.79 21.62 -24.94
N LEU A 64 -6.81 22.09 -25.68
CA LEU A 64 -8.00 21.30 -25.98
C LEU A 64 -7.81 20.38 -27.19
N MET A 65 -7.10 20.85 -28.21
CA MET A 65 -6.79 20.01 -29.36
C MET A 65 -5.58 19.12 -29.06
N GLY A 66 -4.76 19.54 -28.11
CA GLY A 66 -3.70 18.69 -27.58
C GLY A 66 -4.36 17.47 -26.97
N MET A 67 -5.28 17.72 -26.04
CA MET A 67 -6.01 16.63 -25.38
C MET A 67 -6.94 15.86 -26.29
N PHE A 68 -7.58 16.57 -27.21
CA PHE A 68 -8.48 15.90 -28.15
C PHE A 68 -7.72 14.87 -28.97
N TYR A 69 -6.72 15.34 -29.71
CA TYR A 69 -6.01 14.48 -30.66
C TYR A 69 -5.08 13.44 -30.00
N ARG A 70 -4.42 13.84 -28.91
CA ARG A 70 -3.50 12.93 -28.23
C ARG A 70 -4.22 11.75 -27.61
N THR A 71 -5.39 12.01 -27.02
CA THR A 71 -6.21 10.95 -26.43
C THR A 71 -6.69 9.96 -27.49
N ILE A 72 -7.02 10.47 -28.69
CA ILE A 72 -7.40 9.60 -29.80
C ILE A 72 -6.22 8.70 -30.16
N ARG A 73 -5.03 9.30 -30.24
CA ARG A 73 -3.80 8.58 -30.59
C ARG A 73 -3.50 7.48 -29.55
N MET A 74 -3.77 7.76 -28.28
CA MET A 74 -3.61 6.79 -27.21
C MET A 74 -4.63 5.67 -27.34
N MET A 75 -5.86 6.05 -27.64
CA MET A 75 -6.97 5.11 -27.77
C MET A 75 -6.80 4.21 -28.99
N GLU A 76 -6.23 4.75 -30.06
CA GLU A 76 -5.94 3.99 -31.26
C GLU A 76 -4.79 3.01 -31.03
N ASN A 77 -3.82 3.43 -30.22
CA ASN A 77 -2.67 2.59 -29.85
C ASN A 77 -2.98 1.61 -28.71
N GLY A 78 -4.27 1.50 -28.37
CA GLY A 78 -4.73 0.55 -27.35
C GLY A 78 -4.87 1.11 -25.95
N ILE A 79 -3.99 2.05 -25.59
CA ILE A 79 -4.00 2.67 -24.26
C ILE A 79 -5.38 3.25 -23.89
N LYS A 80 -5.83 2.92 -22.68
CA LYS A 80 -7.12 3.40 -22.14
C LYS A 80 -6.86 4.46 -21.06
N PRO A 81 -6.95 5.74 -21.44
CA PRO A 81 -6.56 6.80 -20.50
C PRO A 81 -7.63 7.11 -19.46
N VAL A 82 -7.19 7.57 -18.30
CA VAL A 82 -8.08 8.16 -17.31
C VAL A 82 -7.36 9.36 -16.67
N TYR A 83 -7.85 10.55 -16.99
CA TYR A 83 -7.24 11.78 -16.53
C TYR A 83 -7.62 12.09 -15.10
N VAL A 84 -6.67 12.65 -14.36
CA VAL A 84 -6.87 13.02 -12.97
C VAL A 84 -6.50 14.49 -12.83
N PHE A 85 -7.44 15.28 -12.36
CA PHE A 85 -7.30 16.73 -12.28
C PHE A 85 -6.99 17.26 -10.88
N ASP A 86 -6.00 18.14 -10.79
CA ASP A 86 -5.64 18.83 -9.54
C ASP A 86 -6.86 19.44 -8.84
N GLY A 87 -6.80 19.48 -7.51
CA GLY A 87 -7.83 20.13 -6.71
C GLY A 87 -7.28 21.35 -5.98
N LYS A 88 -7.48 21.36 -4.67
CA LYS A 88 -6.97 22.43 -3.84
C LYS A 88 -5.50 22.15 -3.53
N PRO A 89 -4.61 23.10 -3.83
CA PRO A 89 -3.18 22.91 -3.53
C PRO A 89 -2.98 22.88 -2.01
N PRO A 90 -2.05 22.02 -1.52
CA PRO A 90 -1.79 21.94 -0.08
C PRO A 90 -1.03 23.16 0.47
N GLN A 91 -1.34 23.53 1.72
CA GLN A 91 -0.84 24.76 2.37
C GLN A 91 0.63 25.11 2.06
N LEU A 92 1.50 24.12 2.21
CA LEU A 92 2.93 24.29 1.97
C LEU A 92 3.26 24.22 0.49
N LYS A 93 3.85 25.31 0.00
CA LYS A 93 4.28 25.42 -1.39
C LYS A 93 5.34 26.53 -1.52
N SER A 94 5.17 27.59 -0.72
CA SER A 94 6.08 28.74 -0.71
C SER A 94 7.45 28.39 -0.13
N GLY A 95 8.21 27.61 -0.90
CA GLY A 95 9.58 27.23 -0.55
C GLY A 95 10.45 27.21 -1.79
N GLU A 96 9.80 27.09 -2.95
CA GLU A 96 10.46 27.14 -4.25
C GLU A 96 10.82 28.58 -4.62
N VAL A 131 4.87 29.45 -18.96
CA VAL A 131 3.66 28.64 -19.11
C VAL A 131 2.92 28.44 -17.78
N LYS A 132 1.59 28.51 -17.84
CA LYS A 132 0.75 28.54 -16.64
C LYS A 132 -0.59 27.82 -16.83
N VAL A 133 -0.75 26.67 -16.18
CA VAL A 133 -1.98 25.88 -16.26
C VAL A 133 -3.07 26.45 -15.34
N THR A 134 -4.09 27.03 -15.95
CA THR A 134 -5.13 27.77 -15.24
C THR A 134 -6.33 26.93 -14.84
N LYS A 135 -7.30 27.56 -14.18
CA LYS A 135 -8.53 26.90 -13.77
C LYS A 135 -9.46 26.71 -14.96
N GLN A 136 -9.30 27.54 -15.99
CA GLN A 136 -10.08 27.41 -17.23
C GLN A 136 -9.51 26.29 -18.12
N HIS A 137 -8.19 26.23 -18.21
CA HIS A 137 -7.51 25.11 -18.88
C HIS A 137 -8.07 23.79 -18.41
N ASN A 138 -8.14 23.62 -17.08
CA ASN A 138 -8.72 22.42 -16.46
C ASN A 138 -10.21 22.25 -16.78
N ASP A 139 -10.97 23.32 -16.57
CA ASP A 139 -12.41 23.33 -16.80
C ASP A 139 -12.78 22.88 -18.21
N GLU A 140 -12.15 23.49 -19.20
CA GLU A 140 -12.41 23.17 -20.59
C GLU A 140 -12.02 21.72 -20.93
N CYS A 141 -10.87 21.28 -20.43
CA CYS A 141 -10.42 19.91 -20.67
C CYS A 141 -11.36 18.87 -20.08
N LYS A 142 -11.72 19.05 -18.81
CA LYS A 142 -12.68 18.19 -18.13
C LYS A 142 -13.94 18.10 -18.98
N HIS A 143 -14.43 19.28 -19.39
CA HIS A 143 -15.63 19.41 -20.22
C HIS A 143 -15.50 18.58 -21.46
N LEU A 144 -14.38 18.74 -22.16
CA LEU A 144 -14.10 17.96 -23.37
C LEU A 144 -14.12 16.45 -23.11
N LEU A 145 -13.27 15.98 -22.19
CA LEU A 145 -13.20 14.56 -21.86
C LEU A 145 -14.56 13.95 -21.53
N SER A 146 -15.36 14.70 -20.75
CA SER A 146 -16.72 14.32 -20.42
C SER A 146 -17.54 13.96 -21.68
N LEU A 147 -17.30 14.70 -22.76
CA LEU A 147 -18.07 14.53 -23.99
C LEU A 147 -17.50 13.42 -24.87
N MET A 148 -16.23 13.10 -24.64
CA MET A 148 -15.54 12.05 -25.39
C MET A 148 -15.86 10.68 -24.81
N GLY A 149 -16.34 10.65 -23.58
CA GLY A 149 -16.62 9.39 -22.90
C GLY A 149 -15.40 8.87 -22.17
N ILE A 150 -14.34 9.68 -22.12
CA ILE A 150 -13.13 9.39 -21.34
C ILE A 150 -13.44 9.72 -19.89
N PRO A 151 -13.01 8.86 -18.95
CA PRO A 151 -13.22 9.20 -17.55
C PRO A 151 -12.17 10.19 -17.05
N TYR A 152 -12.61 11.17 -16.26
CA TYR A 152 -11.71 12.02 -15.51
C TYR A 152 -11.98 11.88 -14.00
N LEU A 153 -11.07 12.36 -13.18
CA LEU A 153 -11.23 12.29 -11.72
C LEU A 153 -10.79 13.60 -11.08
N ASP A 154 -11.65 14.14 -10.23
CA ASP A 154 -11.34 15.36 -9.50
C ASP A 154 -10.59 14.98 -8.23
N ALA A 155 -9.28 15.12 -8.27
CA ALA A 155 -8.42 14.76 -7.14
C ALA A 155 -8.54 15.79 -6.00
N PRO A 156 -8.68 15.31 -4.75
CA PRO A 156 -8.85 16.19 -3.60
C PRO A 156 -7.76 17.26 -3.49
N SER A 157 -6.51 16.86 -3.68
CA SER A 157 -5.39 17.80 -3.70
C SER A 157 -4.59 17.71 -5.01
N GLU A 158 -3.40 17.12 -4.97
CA GLU A 158 -2.50 17.11 -6.14
C GLU A 158 -2.63 15.82 -6.97
N ALA A 159 -2.96 16.00 -8.25
CA ALA A 159 -3.27 14.88 -9.15
C ALA A 159 -2.28 13.71 -9.13
N GLU A 160 -0.99 14.00 -9.06
CA GLU A 160 0.01 12.92 -9.14
C GLU A 160 0.09 12.06 -7.87
N ALA A 161 -0.50 12.55 -6.78
CA ALA A 161 -0.66 11.74 -5.59
C ALA A 161 -1.82 10.75 -5.81
N SER A 162 -2.96 11.25 -6.26
CA SER A 162 -4.12 10.43 -6.59
C SER A 162 -3.85 9.45 -7.73
N CYS A 163 -3.00 9.89 -8.68
CA CYS A 163 -2.54 9.03 -9.77
C CYS A 163 -1.83 7.84 -9.15
N ALA A 164 -0.78 8.13 -8.39
CA ALA A 164 -0.02 7.11 -7.67
C ALA A 164 -0.91 6.14 -6.91
N ALA A 165 -1.97 6.68 -6.29
CA ALA A 165 -2.91 5.88 -5.50
C ALA A 165 -3.64 4.84 -6.32
N LEU A 166 -3.99 5.21 -7.56
CA LEU A 166 -4.61 4.28 -8.50
C LEU A 166 -3.65 3.14 -8.88
N VAL A 167 -2.36 3.46 -8.96
CA VAL A 167 -1.33 2.47 -9.26
C VAL A 167 -1.07 1.57 -8.05
N LYS A 168 -1.07 2.15 -6.85
CA LYS A 168 -0.95 1.39 -5.60
C LYS A 168 -2.09 0.39 -5.45
N ALA A 169 -3.31 0.90 -5.49
CA ALA A 169 -4.52 0.08 -5.41
C ALA A 169 -4.68 -0.82 -6.62
N GLY A 170 -3.78 -0.68 -7.58
CA GLY A 170 -3.75 -1.52 -8.78
C GLY A 170 -4.97 -1.43 -9.69
N LYS A 171 -5.50 -0.22 -9.87
CA LYS A 171 -6.63 0.02 -10.77
C LYS A 171 -6.23 0.61 -12.13
N VAL A 172 -4.93 0.84 -12.29
CA VAL A 172 -4.33 1.14 -13.58
C VAL A 172 -2.99 0.42 -13.59
N TYR A 173 -2.35 0.36 -14.75
CA TYR A 173 -1.00 -0.20 -14.86
C TYR A 173 0.04 0.78 -14.31
N ALA A 174 -0.12 2.06 -14.67
CA ALA A 174 0.85 3.09 -14.32
C ALA A 174 0.22 4.48 -14.33
N ALA A 175 0.99 5.46 -13.86
CA ALA A 175 0.58 6.85 -13.89
C ALA A 175 1.46 7.59 -14.86
N ALA A 176 0.86 8.13 -15.92
CA ALA A 176 1.64 8.86 -16.92
C ALA A 176 1.87 10.29 -16.48
N THR A 177 3.15 10.65 -16.32
CA THR A 177 3.54 12.02 -15.96
C THR A 177 5.07 12.21 -15.99
N GLU A 178 5.49 13.44 -16.33
CA GLU A 178 6.90 13.83 -16.25
C GLU A 178 7.26 14.32 -14.85
N ASP A 179 6.23 14.62 -14.05
CA ASP A 179 6.42 15.10 -12.68
C ASP A 179 7.02 13.98 -11.85
N MET A 180 8.29 14.14 -11.50
CA MET A 180 9.06 13.05 -10.91
C MET A 180 8.67 12.77 -9.46
N ASP A 181 7.96 13.69 -8.84
CA ASP A 181 7.57 13.50 -7.45
C ASP A 181 6.33 12.62 -7.30
N CYS A 182 5.83 12.11 -8.43
CA CYS A 182 4.79 11.10 -8.43
C CYS A 182 5.36 9.80 -7.88
N LEU A 183 6.64 9.56 -8.14
CA LEU A 183 7.36 8.43 -7.55
C LEU A 183 7.47 8.61 -6.03
N THR A 184 7.81 9.83 -5.61
CA THR A 184 7.89 10.18 -4.19
C THR A 184 6.55 10.02 -3.46
N PHE A 185 5.45 10.13 -4.21
CA PHE A 185 4.12 9.89 -3.65
C PHE A 185 3.83 8.40 -3.53
N GLY A 186 4.81 7.57 -3.89
CA GLY A 186 4.73 6.12 -3.70
C GLY A 186 4.22 5.28 -4.86
N SER A 187 4.09 5.88 -6.05
CA SER A 187 3.60 5.15 -7.23
C SER A 187 4.57 4.07 -7.66
N PRO A 188 4.13 2.80 -7.71
CA PRO A 188 4.97 1.68 -8.10
C PRO A 188 5.56 1.83 -9.50
N VAL A 189 4.74 2.34 -10.43
CA VAL A 189 5.16 2.55 -11.83
C VAL A 189 4.80 3.96 -12.32
N LEU A 190 5.80 4.65 -12.88
CA LEU A 190 5.62 5.93 -13.54
C LEU A 190 5.97 5.81 -15.03
N MET A 191 5.22 6.49 -15.88
CA MET A 191 5.50 6.55 -17.31
C MET A 191 5.84 7.96 -17.78
N ARG A 192 6.90 8.07 -18.55
CA ARG A 192 7.35 9.33 -19.11
C ARG A 192 7.20 9.36 -20.62
N HIS A 193 6.91 10.55 -21.14
CA HIS A 193 6.89 10.88 -22.57
C HIS A 193 5.72 10.36 -23.35
N LEU A 194 4.70 9.84 -22.65
CA LEU A 194 3.41 9.58 -23.28
C LEU A 194 2.89 10.91 -23.83
N THR A 195 3.19 11.98 -23.08
CA THR A 195 3.01 13.38 -23.47
C THR A 195 1.66 13.70 -24.09
N LYS A 201 7.79 10.41 -31.83
CA LYS A 201 8.99 11.23 -31.86
C LYS A 201 9.96 10.89 -30.72
N LEU A 202 9.42 10.52 -29.56
CA LEU A 202 10.21 10.28 -28.35
C LEU A 202 9.78 9.00 -27.60
N PRO A 203 10.76 8.17 -27.19
CA PRO A 203 10.53 6.91 -26.47
C PRO A 203 9.84 7.07 -25.13
N ILE A 204 9.03 6.07 -24.76
CA ILE A 204 8.35 6.08 -23.47
C ILE A 204 9.22 5.42 -22.41
N GLN A 205 9.57 6.17 -21.37
CA GLN A 205 10.39 5.68 -20.25
C GLN A 205 9.55 5.20 -19.08
N GLU A 206 9.63 3.90 -18.79
CA GLU A 206 8.88 3.30 -17.70
C GLU A 206 9.77 3.25 -16.45
N PHE A 207 9.30 3.86 -15.36
CA PHE A 207 10.02 3.86 -14.08
C PHE A 207 9.37 2.91 -13.09
N HIS A 208 10.17 2.03 -12.49
CA HIS A 208 9.71 1.10 -11.45
C HIS A 208 10.25 1.49 -10.11
N LEU A 209 9.36 1.80 -9.17
CA LEU A 209 9.75 2.30 -7.84
C LEU A 209 10.41 1.25 -6.95
N SER A 210 9.94 0.00 -7.04
CA SER A 210 10.57 -1.09 -6.28
C SER A 210 12.05 -1.27 -6.63
N ARG A 211 12.40 -0.99 -7.88
CA ARG A 211 13.79 -1.09 -8.33
C ARG A 211 14.65 0.08 -7.83
N ILE A 212 14.07 1.27 -7.79
CA ILE A 212 14.76 2.47 -7.29
C ILE A 212 15.14 2.23 -5.82
N LEU A 213 14.13 1.83 -5.05
CA LEU A 213 14.31 1.46 -3.65
C LEU A 213 15.24 0.26 -3.48
N GLN A 214 15.16 -0.70 -4.40
CA GLN A 214 16.01 -1.89 -4.37
C GLN A 214 17.49 -1.60 -4.63
N GLU A 215 17.77 -0.76 -5.62
CA GLU A 215 19.16 -0.44 -5.99
C GLU A 215 19.81 0.48 -4.96
N LEU A 216 19.18 1.62 -4.71
CA LEU A 216 19.69 2.61 -3.75
C LEU A 216 19.67 2.11 -2.30
N GLY A 217 18.91 1.05 -2.05
CA GLY A 217 18.85 0.40 -0.73
C GLY A 217 18.19 1.27 0.34
N LEU A 218 17.03 1.81 0.01
CA LEU A 218 16.31 2.72 0.88
C LEU A 218 14.83 2.37 0.90
N ASN A 219 14.18 2.47 2.06
CA ASN A 219 12.72 2.40 2.11
C ASN A 219 12.10 3.68 1.54
N GLN A 220 10.78 3.71 1.42
CA GLN A 220 10.09 4.91 0.91
C GLN A 220 10.44 6.17 1.68
N GLU A 221 10.35 6.09 3.01
CA GLU A 221 10.55 7.24 3.89
C GLU A 221 11.90 7.94 3.66
N GLN A 222 12.97 7.14 3.63
CA GLN A 222 14.30 7.62 3.30
C GLN A 222 14.33 8.23 1.89
N PHE A 223 13.71 7.54 0.94
CA PHE A 223 13.64 8.00 -0.44
C PHE A 223 13.00 9.38 -0.56
N VAL A 224 11.92 9.60 0.20
CA VAL A 224 11.25 10.91 0.28
C VAL A 224 12.24 11.99 0.72
N ASP A 225 13.07 11.66 1.70
CA ASP A 225 14.04 12.60 2.24
C ASP A 225 15.15 12.88 1.23
N LEU A 226 15.48 11.88 0.42
CA LEU A 226 16.43 12.06 -0.68
C LEU A 226 15.86 13.07 -1.65
N CYS A 227 14.61 12.85 -2.05
CA CYS A 227 13.87 13.78 -2.90
C CYS A 227 13.87 15.21 -2.35
N ILE A 228 13.58 15.35 -1.05
CA ILE A 228 13.59 16.67 -0.40
C ILE A 228 14.98 17.32 -0.52
N LEU A 229 16.03 16.52 -0.34
CA LEU A 229 17.41 16.98 -0.51
C LEU A 229 17.79 17.31 -1.95
N LEU A 230 17.11 16.67 -2.91
CA LEU A 230 17.32 16.94 -4.33
C LEU A 230 16.68 18.27 -4.73
N GLY A 231 15.50 18.54 -4.17
CA GLY A 231 14.81 19.81 -4.36
C GLY A 231 13.37 19.60 -4.75
N SER A 232 12.48 19.66 -3.77
CA SER A 232 11.04 19.48 -4.03
C SER A 232 10.29 20.81 -4.12
N ASP A 233 9.00 20.73 -4.41
CA ASP A 233 8.13 21.90 -4.51
C ASP A 233 7.80 22.48 -3.13
N TYR A 234 7.98 21.68 -2.09
CA TYR A 234 7.47 22.02 -0.76
C TYR A 234 8.44 22.78 0.16
N CYS A 235 9.74 22.50 0.05
CA CYS A 235 10.73 23.19 0.88
C CYS A 235 12.05 23.30 0.14
N GLU A 236 12.99 24.05 0.73
CA GLU A 236 14.32 24.19 0.16
C GLU A 236 15.16 22.96 0.53
N SER A 237 16.28 22.77 -0.17
CA SER A 237 17.21 21.68 0.12
C SER A 237 18.43 22.22 0.86
N ILE A 238 19.40 21.37 1.20
CA ILE A 238 20.64 21.85 1.79
C ILE A 238 21.62 22.30 0.70
N ARG A 239 21.80 23.61 0.58
CA ARG A 239 22.73 24.18 -0.39
C ARG A 239 24.12 23.55 -0.28
N GLY A 240 24.76 23.36 -1.43
CA GLY A 240 26.12 22.80 -1.46
C GLY A 240 26.17 21.28 -1.33
N ILE A 241 25.03 20.67 -1.02
CA ILE A 241 24.90 19.21 -1.06
C ILE A 241 24.42 18.80 -2.46
N GLY A 242 25.34 18.23 -3.23
CA GLY A 242 25.03 17.69 -4.55
C GLY A 242 24.08 16.51 -4.45
N PRO A 243 23.36 16.20 -5.55
CA PRO A 243 22.41 15.07 -5.59
C PRO A 243 23.08 13.72 -5.29
N LYS A 244 24.27 13.50 -5.86
CA LYS A 244 24.98 12.24 -5.72
C LYS A 244 25.61 12.12 -4.33
N ARG A 245 25.88 13.25 -3.70
CA ARG A 245 26.31 13.30 -2.30
C ARG A 245 25.11 13.18 -1.37
N ALA A 246 23.94 13.57 -1.87
CA ALA A 246 22.69 13.43 -1.12
C ALA A 246 22.34 11.96 -0.91
N VAL A 247 22.51 11.17 -1.97
CA VAL A 247 22.29 9.72 -1.91
C VAL A 247 23.13 9.07 -0.80
N ASP A 248 24.44 9.33 -0.82
CA ASP A 248 25.37 8.72 0.11
C ASP A 248 24.99 9.04 1.55
N LEU A 249 24.57 10.27 1.79
CA LEU A 249 24.19 10.73 3.12
C LEU A 249 22.85 10.15 3.58
N ILE A 250 22.00 9.82 2.61
CA ILE A 250 20.73 9.15 2.91
C ILE A 250 20.96 7.66 3.17
N GLN A 251 21.79 7.04 2.31
CA GLN A 251 22.17 5.62 2.48
C GLN A 251 22.87 5.38 3.81
N LYS A 252 23.81 6.27 4.15
CA LYS A 252 24.61 6.14 5.36
C LYS A 252 23.89 6.57 6.65
N HIS A 253 23.18 7.71 6.59
CA HIS A 253 22.58 8.30 7.80
C HIS A 253 21.08 8.32 7.83
N LYS A 254 20.47 7.74 6.79
CA LYS A 254 19.04 7.35 6.77
C LYS A 254 17.99 8.46 6.68
N SER A 255 18.09 9.49 7.52
CA SER A 255 17.11 10.59 7.50
C SER A 255 17.74 11.98 7.67
N ILE A 256 17.00 13.01 7.23
CA ILE A 256 17.46 14.41 7.25
C ILE A 256 17.77 14.96 8.65
N GLU A 257 16.87 14.76 9.60
CA GLU A 257 17.11 15.19 11.00
C GLU A 257 18.48 14.74 11.48
N GLU A 258 18.84 13.50 11.14
CA GLU A 258 20.16 12.94 11.47
C GLU A 258 21.29 13.59 10.68
N ILE A 259 21.14 13.68 9.36
CA ILE A 259 22.16 14.29 8.50
C ILE A 259 22.59 15.68 9.00
N VAL A 260 21.63 16.48 9.43
CA VAL A 260 21.91 17.81 9.97
C VAL A 260 22.78 17.71 11.23
N ARG A 261 22.50 16.72 12.08
CA ARG A 261 23.32 16.49 13.28
C ARG A 261 24.80 16.32 12.92
N ARG A 262 25.10 15.41 11.99
CA ARG A 262 26.46 15.24 11.45
CA ARG A 262 26.46 15.26 11.47
C ARG A 262 26.70 16.21 10.28
N LEU A 263 26.67 17.50 10.59
CA LEU A 263 26.96 18.60 9.67
C LEU A 263 27.10 19.83 10.54
N ASP A 264 28.22 20.53 10.40
CA ASP A 264 28.49 21.70 11.24
C ASP A 264 27.66 22.91 10.80
N PRO A 265 27.01 23.60 11.76
CA PRO A 265 26.14 24.74 11.49
C PRO A 265 26.81 25.86 10.66
N ASN A 266 28.12 26.01 10.83
CA ASN A 266 28.88 27.04 10.10
C ASN A 266 28.96 26.73 8.61
N LYS A 267 29.53 25.57 8.28
CA LYS A 267 29.75 25.17 6.89
C LYS A 267 28.48 24.84 6.11
N TYR A 268 27.53 24.18 6.77
CA TYR A 268 26.30 23.72 6.08
C TYR A 268 24.99 24.15 6.75
N PRO A 269 24.61 25.44 6.61
CA PRO A 269 23.41 25.93 7.25
C PRO A 269 22.15 25.51 6.49
N VAL A 270 21.11 25.17 7.22
CA VAL A 270 19.82 24.79 6.64
C VAL A 270 18.95 26.05 6.45
N PRO A 271 17.81 25.91 5.74
CA PRO A 271 16.82 26.99 5.70
C PRO A 271 16.33 27.39 7.10
N GLU A 272 16.05 28.69 7.27
CA GLU A 272 15.59 29.24 8.54
C GLU A 272 14.19 28.70 8.87
N ASN A 273 14.10 27.96 9.97
CA ASN A 273 12.88 27.22 10.33
C ASN A 273 12.42 26.34 9.16
N TRP A 274 13.16 25.26 8.96
CA TRP A 274 13.08 24.44 7.77
C TRP A 274 12.01 23.38 7.86
N LEU A 275 10.97 23.55 7.06
CA LEU A 275 9.76 22.72 7.13
C LEU A 275 9.91 21.37 6.42
N HIS A 276 11.13 20.83 6.39
CA HIS A 276 11.40 19.54 5.75
C HIS A 276 10.56 18.42 6.29
N LYS A 277 10.29 18.47 7.59
CA LYS A 277 9.48 17.45 8.27
C LYS A 277 8.03 17.48 7.78
N GLU A 278 7.53 18.67 7.50
CA GLU A 278 6.18 18.86 6.99
C GLU A 278 6.04 18.36 5.55
N ALA A 279 7.01 18.73 4.71
CA ALA A 279 7.12 18.19 3.36
C ALA A 279 7.06 16.67 3.40
N HIS A 280 7.90 16.09 4.27
CA HIS A 280 7.99 14.65 4.45
C HIS A 280 6.66 14.02 4.81
N GLN A 281 5.86 14.74 5.59
CA GLN A 281 4.54 14.27 5.99
C GLN A 281 3.58 14.24 4.80
N LEU A 282 3.72 15.25 3.94
CA LEU A 282 2.84 15.42 2.79
C LEU A 282 3.06 14.30 1.77
N PHE A 283 4.32 14.11 1.36
CA PHE A 283 4.70 13.05 0.43
C PHE A 283 4.27 11.68 0.94
N LEU A 284 4.38 11.48 2.24
CA LEU A 284 4.09 10.18 2.86
C LEU A 284 2.59 9.99 3.09
N GLU A 285 1.94 10.99 3.70
CA GLU A 285 0.50 10.94 3.95
C GLU A 285 -0.27 12.03 3.17
N PRO A 286 -0.36 11.88 1.83
CA PRO A 286 -1.01 12.92 1.04
C PRO A 286 -2.53 12.72 0.99
N GLU A 287 -3.25 13.81 0.75
CA GLU A 287 -4.69 13.72 0.60
C GLU A 287 -5.00 13.14 -0.77
N VAL A 288 -5.57 11.94 -0.76
CA VAL A 288 -5.87 11.20 -1.99
C VAL A 288 -7.35 10.83 -2.03
N LEU A 289 -7.83 10.46 -3.22
CA LEU A 289 -9.16 9.88 -3.36
C LEU A 289 -9.09 8.38 -3.05
N ASP A 290 -10.23 7.77 -2.80
CA ASP A 290 -10.30 6.35 -2.53
C ASP A 290 -10.63 5.59 -3.81
N PRO A 291 -9.64 4.86 -4.37
CA PRO A 291 -9.79 4.17 -5.64
C PRO A 291 -10.77 2.98 -5.58
N GLU A 292 -10.94 2.41 -4.39
CA GLU A 292 -11.90 1.33 -4.19
C GLU A 292 -13.31 1.82 -4.49
N SER A 293 -13.62 3.01 -4.00
CA SER A 293 -14.90 3.67 -4.22
C SER A 293 -15.02 4.24 -5.63
N VAL A 294 -13.91 4.79 -6.13
CA VAL A 294 -13.85 5.39 -7.46
C VAL A 294 -14.07 4.34 -8.56
N GLU A 295 -14.87 4.70 -9.56
CA GLU A 295 -15.11 3.84 -10.72
C GLU A 295 -14.65 4.54 -12.00
N LEU A 296 -13.99 3.78 -12.86
CA LEU A 296 -13.51 4.29 -14.14
C LEU A 296 -14.29 3.64 -15.28
N LYS A 297 -14.91 4.47 -16.12
CA LYS A 297 -15.68 3.97 -17.25
C LYS A 297 -15.40 4.76 -18.52
N TRP A 298 -15.33 4.03 -19.64
CA TRP A 298 -15.14 4.62 -20.95
C TRP A 298 -16.42 4.50 -21.71
N SER A 299 -17.04 5.65 -21.96
CA SER A 299 -18.33 5.72 -22.64
C SER A 299 -18.18 6.08 -24.10
N GLU A 300 -19.21 5.77 -24.87
CA GLU A 300 -19.33 6.26 -26.25
C GLU A 300 -19.32 7.78 -26.23
N PRO A 301 -18.56 8.41 -27.15
CA PRO A 301 -18.55 9.87 -27.18
C PRO A 301 -19.89 10.43 -27.66
N ASN A 302 -20.33 11.53 -27.07
CA ASN A 302 -21.50 12.25 -27.56
C ASN A 302 -21.05 13.23 -28.66
N GLU A 303 -21.18 12.80 -29.91
CA GLU A 303 -20.64 13.53 -31.05
C GLU A 303 -21.31 14.88 -31.30
N GLU A 304 -22.63 14.89 -31.43
CA GLU A 304 -23.37 16.12 -31.74
C GLU A 304 -23.19 17.17 -30.65
N GLU A 305 -22.97 16.72 -29.42
CA GLU A 305 -22.68 17.60 -28.30
C GLU A 305 -21.21 18.05 -28.32
N LEU A 306 -20.34 17.20 -28.86
CA LEU A 306 -18.92 17.52 -28.96
C LEU A 306 -18.67 18.60 -30.01
N ILE A 307 -19.47 18.57 -31.07
CA ILE A 307 -19.47 19.62 -32.07
C ILE A 307 -19.95 20.92 -31.43
N LYS A 308 -21.10 20.88 -30.79
CA LYS A 308 -21.67 22.04 -30.10
C LYS A 308 -20.66 22.74 -29.17
N PHE A 309 -19.66 22.00 -28.71
CA PHE A 309 -18.65 22.53 -27.81
C PHE A 309 -17.39 23.04 -28.51
N MET A 310 -16.71 22.16 -29.24
CA MET A 310 -15.46 22.51 -29.91
C MET A 310 -15.69 23.44 -31.11
N CYS A 311 -16.88 23.37 -31.69
CA CYS A 311 -17.23 24.15 -32.88
C CYS A 311 -18.27 25.23 -32.58
N GLY A 312 -19.23 24.92 -31.71
CA GLY A 312 -20.24 25.88 -31.29
C GLY A 312 -19.70 26.92 -30.32
N GLU A 313 -18.65 26.58 -29.59
CA GLU A 313 -18.05 27.48 -28.61
C GLU A 313 -16.59 27.82 -28.90
N LYS A 314 -15.82 26.82 -29.34
CA LYS A 314 -14.36 26.92 -29.41
C LYS A 314 -13.70 27.01 -30.81
N GLN A 315 -14.49 27.36 -31.82
CA GLN A 315 -13.97 27.67 -33.17
C GLN A 315 -13.08 26.58 -33.83
N PHE A 316 -13.43 25.31 -33.60
CA PHE A 316 -12.73 24.20 -34.27
C PHE A 316 -13.40 23.84 -35.59
N SER A 317 -12.67 23.09 -36.42
CA SER A 317 -13.15 22.61 -37.72
C SER A 317 -14.09 21.41 -37.52
N GLU A 318 -15.34 21.54 -37.95
CA GLU A 318 -16.39 20.56 -37.63
C GLU A 318 -16.12 19.14 -38.13
N GLU A 319 -15.82 19.01 -39.43
CA GLU A 319 -15.51 17.71 -40.00
C GLU A 319 -14.17 17.14 -39.52
N ARG A 320 -13.25 18.01 -39.12
CA ARG A 320 -11.98 17.57 -38.52
C ARG A 320 -12.21 16.94 -37.13
N ILE A 321 -13.11 17.51 -36.35
CA ILE A 321 -13.53 16.92 -35.08
C ILE A 321 -14.35 15.67 -35.36
N ARG A 322 -15.26 15.76 -36.31
CA ARG A 322 -16.13 14.65 -36.72
C ARG A 322 -15.37 13.35 -36.92
N SER A 323 -14.25 13.42 -37.64
CA SER A 323 -13.40 12.27 -37.92
C SER A 323 -12.62 11.83 -36.68
N GLY A 324 -12.19 12.80 -35.87
CA GLY A 324 -11.55 12.52 -34.59
C GLY A 324 -12.43 11.70 -33.68
N VAL A 325 -13.71 12.09 -33.60
CA VAL A 325 -14.72 11.37 -32.82
C VAL A 325 -14.98 9.98 -33.41
N LYS A 326 -14.95 9.87 -34.73
CA LYS A 326 -15.18 8.58 -35.39
C LYS A 326 -14.03 7.59 -35.23
N ARG A 327 -12.83 8.10 -35.01
CA ARG A 327 -11.67 7.27 -34.74
C ARG A 327 -11.68 6.83 -33.28
N LEU A 328 -11.97 7.78 -32.40
CA LEU A 328 -12.18 7.53 -30.98
C LEU A 328 -13.22 6.42 -30.76
N SER A 329 -14.38 6.57 -31.42
CA SER A 329 -15.46 5.60 -31.33
C SER A 329 -15.06 4.21 -31.85
N LYS A 330 -14.28 4.20 -32.95
CA LYS A 330 -13.83 2.95 -33.58
C LYS A 330 -12.86 2.19 -32.70
N SER A 331 -11.99 2.93 -32.02
CA SER A 331 -10.98 2.35 -31.15
C SER A 331 -11.56 1.91 -29.80
N ARG A 332 -12.63 2.59 -29.36
CA ARG A 332 -13.38 2.17 -28.17
C ARG A 332 -14.07 0.84 -28.42
N GLN A 333 -14.28 0.52 -29.69
CA GLN A 333 -14.85 -0.76 -30.09
C GLN A 333 -13.76 -1.84 -30.18
N GLY A 334 -12.50 -1.39 -30.34
CA GLY A 334 -11.36 -2.29 -30.30
C GLY A 334 -10.89 -2.53 -28.87
N SER A 335 -10.89 -1.46 -28.07
CA SER A 335 -10.37 -1.52 -26.70
C SER A 335 -11.40 -2.10 -25.72
N THR A 336 -12.61 -1.55 -25.75
CA THR A 336 -13.64 -1.85 -24.76
C THR A 336 -14.97 -2.25 -25.41
N LEU A 337 -14.95 -3.20 -26.36
CA LEU A 337 -16.19 -3.64 -27.01
C LEU A 337 -17.17 -4.19 -25.97
N GLU A 338 -16.64 -4.98 -25.03
CA GLU A 338 -17.33 -5.48 -23.83
C GLU A 338 -18.68 -6.13 -24.09
N GLY B 2 -1.09 -21.01 7.97
CA GLY B 2 0.36 -20.75 8.11
C GLY B 2 1.07 -20.63 6.78
N ILE B 3 2.31 -20.16 6.82
CA ILE B 3 3.21 -20.21 5.67
C ILE B 3 4.46 -20.95 6.13
N GLN B 4 4.57 -22.20 5.69
CA GLN B 4 5.63 -23.09 6.17
C GLN B 4 7.01 -22.51 5.87
N GLY B 5 7.83 -22.40 6.92
CA GLY B 5 9.23 -22.01 6.80
C GLY B 5 9.51 -20.57 6.41
N LEU B 6 8.49 -19.71 6.46
CA LEU B 6 8.64 -18.30 6.09
C LEU B 6 9.38 -17.50 7.16
N ALA B 7 9.06 -17.78 8.42
CA ALA B 7 9.76 -17.13 9.54
C ALA B 7 11.27 -17.30 9.41
N LYS B 8 11.71 -18.55 9.20
CA LYS B 8 13.12 -18.89 9.07
C LYS B 8 13.75 -18.19 7.87
N LEU B 9 12.99 -18.09 6.79
CA LEU B 9 13.47 -17.47 5.55
C LEU B 9 13.83 -16.00 5.76
N ILE B 10 13.06 -15.31 6.61
CA ILE B 10 13.31 -13.90 6.92
C ILE B 10 14.47 -13.77 7.90
N ALA B 11 14.61 -14.77 8.78
CA ALA B 11 15.80 -14.85 9.62
C ALA B 11 17.04 -15.27 8.82
N ASP B 12 16.84 -15.68 7.57
CA ASP B 12 17.93 -16.18 6.72
C ASP B 12 18.39 -15.19 5.64
N VAL B 13 17.45 -14.55 4.96
CA VAL B 13 17.77 -13.69 3.81
C VAL B 13 17.55 -12.21 4.09
N ALA B 14 16.44 -11.88 4.73
CA ALA B 14 16.09 -10.49 5.01
C ALA B 14 16.21 -10.13 6.50
N PRO B 15 17.38 -9.60 6.91
CA PRO B 15 17.60 -9.27 8.31
C PRO B 15 17.05 -7.92 8.76
N SER B 16 16.97 -6.96 7.83
CA SER B 16 16.49 -5.60 8.14
C SER B 16 14.97 -5.47 8.07
N ALA B 17 14.30 -6.62 8.02
CA ALA B 17 12.83 -6.68 8.06
C ALA B 17 12.35 -7.19 9.43
N ILE B 18 13.27 -7.78 10.20
CA ILE B 18 13.01 -8.17 11.58
C ILE B 18 13.67 -7.19 12.54
N ARG B 19 12.92 -6.81 13.57
CA ARG B 19 13.44 -6.03 14.69
C ARG B 19 13.02 -6.69 15.99
N GLU B 20 13.97 -6.86 16.91
CA GLU B 20 13.68 -7.39 18.23
C GLU B 20 13.81 -6.25 19.25
N ASN B 21 12.69 -5.91 19.89
CA ASN B 21 12.66 -4.77 20.81
C ASN B 21 12.17 -5.11 22.21
N ASP B 22 12.53 -4.24 23.15
CA ASP B 22 12.04 -4.30 24.53
C ASP B 22 10.53 -4.03 24.53
N ILE B 23 9.82 -4.74 25.41
CA ILE B 23 8.36 -4.61 25.53
C ILE B 23 7.92 -3.20 25.97
N LYS B 24 8.83 -2.49 26.63
CA LYS B 24 8.59 -1.11 27.05
C LYS B 24 8.39 -0.18 25.85
N SER B 25 9.03 -0.50 24.72
CA SER B 25 8.99 0.36 23.52
C SER B 25 7.66 0.28 22.75
N TYR B 26 6.77 -0.62 23.14
CA TYR B 26 5.44 -0.72 22.54
C TYR B 26 4.35 -0.18 23.48
N PHE B 27 4.72 0.78 24.33
CA PHE B 27 3.82 1.35 25.33
C PHE B 27 2.79 2.29 24.70
N GLY B 28 1.54 2.15 25.12
CA GLY B 28 0.43 2.99 24.63
C GLY B 28 0.00 2.68 23.21
N ARG B 29 0.62 1.66 22.63
CA ARG B 29 0.42 1.32 21.23
C ARG B 29 -0.69 0.28 21.10
N LYS B 30 -1.67 0.57 20.25
CA LYS B 30 -2.79 -0.35 19.99
C LYS B 30 -2.34 -1.47 19.07
N VAL B 31 -2.64 -2.71 19.45
CA VAL B 31 -2.42 -3.83 18.55
C VAL B 31 -3.70 -4.65 18.34
N ALA B 32 -3.87 -5.16 17.12
CA ALA B 32 -4.92 -6.11 16.79
C ALA B 32 -4.36 -7.48 17.05
N ILE B 33 -5.07 -8.27 17.84
CA ILE B 33 -4.59 -9.58 18.25
C ILE B 33 -5.46 -10.71 17.71
N ASP B 34 -4.80 -11.67 17.07
CA ASP B 34 -5.44 -12.85 16.51
C ASP B 34 -5.92 -13.73 17.67
N ALA B 35 -7.23 -13.72 17.91
CA ALA B 35 -7.84 -14.44 19.02
C ALA B 35 -7.63 -15.96 18.93
N SER B 36 -8.00 -16.54 17.78
CA SER B 36 -7.87 -17.99 17.53
C SER B 36 -6.43 -18.48 17.67
N MET B 37 -5.50 -17.69 17.13
CA MET B 37 -4.07 -18.02 17.18
C MET B 37 -3.52 -17.94 18.60
N SER B 38 -4.03 -17.00 19.39
CA SER B 38 -3.60 -16.85 20.78
C SER B 38 -4.28 -17.86 21.73
N ILE B 39 -5.54 -18.20 21.46
CA ILE B 39 -6.22 -19.27 22.23
C ILE B 39 -5.45 -20.58 22.04
N TYR B 40 -4.99 -20.83 20.82
CA TYR B 40 -4.11 -21.96 20.53
C TYR B 40 -2.87 -21.97 21.43
N GLN B 41 -2.24 -20.80 21.59
CA GLN B 41 -1.08 -20.65 22.48
C GLN B 41 -1.45 -21.05 23.90
N PHE B 42 -2.54 -20.48 24.41
CA PHE B 42 -3.02 -20.73 25.77
C PHE B 42 -3.34 -22.21 26.00
N LEU B 43 -3.74 -22.90 24.93
CA LEU B 43 -4.09 -24.32 25.00
C LEU B 43 -2.84 -25.22 24.96
N THR B 60 -11.31 -28.15 30.98
CA THR B 60 -10.21 -27.27 30.58
C THR B 60 -10.63 -25.81 30.63
N THR B 61 -10.12 -25.09 31.63
CA THR B 61 -10.44 -23.68 31.84
C THR B 61 -9.25 -22.83 31.40
N SER B 62 -8.36 -23.45 30.63
CA SER B 62 -7.04 -22.90 30.34
C SER B 62 -7.01 -21.74 29.34
N HIS B 63 -8.02 -21.66 28.49
CA HIS B 63 -8.13 -20.58 27.51
C HIS B 63 -8.51 -19.26 28.14
N LEU B 64 -9.48 -19.28 29.04
CA LEU B 64 -9.86 -18.07 29.77
C LEU B 64 -8.79 -17.68 30.79
N MET B 65 -8.12 -18.70 31.34
CA MET B 65 -6.94 -18.54 32.17
C MET B 65 -5.89 -17.69 31.45
N GLY B 66 -5.53 -18.11 30.24
CA GLY B 66 -4.57 -17.38 29.42
C GLY B 66 -5.06 -15.99 29.06
N MET B 67 -6.26 -15.93 28.48
CA MET B 67 -6.86 -14.69 28.02
C MET B 67 -6.94 -13.60 29.10
N PHE B 68 -7.41 -13.98 30.28
CA PHE B 68 -7.50 -13.06 31.40
C PHE B 68 -6.13 -12.45 31.72
N TYR B 69 -5.18 -13.31 32.07
CA TYR B 69 -3.86 -12.89 32.53
C TYR B 69 -3.01 -12.23 31.44
N ARG B 70 -2.91 -12.88 30.29
CA ARG B 70 -2.13 -12.36 29.16
C ARG B 70 -2.61 -10.99 28.71
N THR B 71 -3.91 -10.75 28.74
CA THR B 71 -4.47 -9.45 28.36
C THR B 71 -4.07 -8.39 29.38
N ILE B 72 -4.31 -8.69 30.67
CA ILE B 72 -3.83 -7.85 31.78
C ILE B 72 -2.35 -7.52 31.57
N ARG B 73 -1.55 -8.55 31.33
CA ARG B 73 -0.09 -8.42 31.18
C ARG B 73 0.28 -7.42 30.09
N MET B 74 -0.39 -7.54 28.94
CA MET B 74 -0.20 -6.61 27.83
C MET B 74 -0.62 -5.21 28.24
N MET B 75 -1.78 -5.12 28.89
CA MET B 75 -2.33 -3.85 29.35
C MET B 75 -1.34 -3.08 30.23
N GLU B 76 -0.68 -3.79 31.14
CA GLU B 76 0.26 -3.18 32.08
C GLU B 76 1.56 -2.73 31.40
N ASN B 77 1.87 -3.36 30.26
CA ASN B 77 3.01 -2.98 29.45
C ASN B 77 2.67 -1.89 28.44
N GLY B 78 1.47 -1.32 28.58
CA GLY B 78 1.03 -0.16 27.81
C GLY B 78 0.21 -0.51 26.58
N ILE B 79 0.39 -1.72 26.08
CA ILE B 79 -0.28 -2.20 24.88
C ILE B 79 -1.80 -2.19 25.06
N LYS B 80 -2.49 -1.52 24.15
CA LYS B 80 -3.95 -1.50 24.14
C LYS B 80 -4.43 -2.60 23.20
N PRO B 81 -5.01 -3.68 23.76
CA PRO B 81 -5.38 -4.85 22.98
C PRO B 81 -6.78 -4.79 22.37
N VAL B 82 -6.87 -5.18 21.11
CA VAL B 82 -8.17 -5.44 20.48
C VAL B 82 -8.05 -6.79 19.79
N TYR B 83 -8.85 -7.74 20.26
CA TYR B 83 -8.84 -9.09 19.73
C TYR B 83 -9.75 -9.18 18.50
N VAL B 84 -9.34 -9.97 17.52
CA VAL B 84 -10.17 -10.25 16.35
C VAL B 84 -10.44 -11.74 16.31
N PHE B 85 -11.71 -12.09 16.33
CA PHE B 85 -12.16 -13.47 16.27
C PHE B 85 -12.50 -13.85 14.83
N ASP B 86 -12.28 -15.11 14.50
CA ASP B 86 -12.59 -15.66 13.16
C ASP B 86 -14.08 -15.64 12.85
N GLY B 87 -14.41 -15.45 11.57
CA GLY B 87 -15.73 -15.75 11.05
C GLY B 87 -15.70 -17.14 10.43
N LYS B 88 -16.26 -17.27 9.23
CA LYS B 88 -16.26 -18.54 8.52
C LYS B 88 -15.19 -18.56 7.42
N PRO B 89 -14.06 -19.26 7.67
CA PRO B 89 -12.94 -19.29 6.74
C PRO B 89 -13.22 -20.11 5.49
N PRO B 90 -12.54 -19.81 4.37
CA PRO B 90 -12.71 -20.57 3.13
C PRO B 90 -12.42 -22.07 3.28
N GLN B 91 -13.39 -22.89 2.87
CA GLN B 91 -13.33 -24.35 3.03
C GLN B 91 -12.13 -25.02 2.35
N LEU B 92 -11.55 -24.35 1.34
CA LEU B 92 -10.38 -24.87 0.65
C LEU B 92 -9.12 -24.72 1.51
N LYS B 93 -8.70 -25.84 2.10
CA LYS B 93 -7.51 -25.87 2.96
C LYS B 93 -6.67 -27.12 2.67
N VAL B 131 -4.33 -30.73 19.25
CA VAL B 131 -4.89 -29.50 19.84
C VAL B 131 -5.57 -28.60 18.81
N LYS B 132 -6.72 -28.04 19.20
CA LYS B 132 -7.54 -27.23 18.30
C LYS B 132 -8.36 -26.18 19.06
N VAL B 133 -8.81 -25.16 18.33
CA VAL B 133 -9.60 -24.07 18.92
C VAL B 133 -11.07 -24.18 18.51
N THR B 134 -11.91 -24.63 19.44
CA THR B 134 -13.32 -24.93 19.18
C THR B 134 -14.24 -23.72 19.38
N LYS B 135 -15.51 -23.89 19.03
CA LYS B 135 -16.55 -22.88 19.29
C LYS B 135 -16.61 -22.53 20.77
N GLN B 136 -16.69 -23.56 21.62
CA GLN B 136 -16.76 -23.41 23.07
C GLN B 136 -15.70 -22.43 23.57
N HIS B 137 -14.48 -22.58 23.05
CA HIS B 137 -13.38 -21.68 23.39
C HIS B 137 -13.70 -20.27 23.01
N ASN B 138 -13.94 -20.02 21.72
CA ASN B 138 -14.15 -18.66 21.22
C ASN B 138 -15.31 -17.91 21.90
N ASP B 139 -16.44 -18.58 22.09
CA ASP B 139 -17.62 -18.01 22.74
C ASP B 139 -17.31 -17.43 24.11
N GLU B 140 -16.65 -18.24 24.95
CA GLU B 140 -16.39 -17.89 26.34
C GLU B 140 -15.34 -16.79 26.44
N CYS B 141 -14.38 -16.82 25.53
CA CYS B 141 -13.36 -15.78 25.44
C CYS B 141 -13.98 -14.44 25.09
N LYS B 142 -14.97 -14.46 24.19
CA LYS B 142 -15.71 -13.26 23.78
C LYS B 142 -16.40 -12.64 24.99
N HIS B 143 -17.20 -13.47 25.67
CA HIS B 143 -17.95 -13.04 26.85
C HIS B 143 -17.06 -12.57 27.96
N LEU B 144 -15.94 -13.26 28.17
CA LEU B 144 -14.93 -12.85 29.14
C LEU B 144 -14.40 -11.45 28.85
N LEU B 145 -13.89 -11.23 27.64
CA LEU B 145 -13.37 -9.92 27.23
C LEU B 145 -14.41 -8.82 27.39
N SER B 146 -15.68 -9.17 27.21
CA SER B 146 -16.81 -8.28 27.43
C SER B 146 -16.93 -7.82 28.88
N LEU B 147 -16.70 -8.76 29.80
CA LEU B 147 -16.77 -8.49 31.24
C LEU B 147 -15.53 -7.76 31.72
N MET B 148 -14.44 -7.90 30.97
CA MET B 148 -13.19 -7.23 31.25
C MET B 148 -13.16 -5.83 30.64
N GLY B 149 -14.14 -5.52 29.80
CA GLY B 149 -14.22 -4.23 29.13
C GLY B 149 -13.19 -4.08 28.02
N ILE B 150 -12.72 -5.22 27.49
CA ILE B 150 -11.76 -5.23 26.39
C ILE B 150 -12.52 -5.42 25.07
N PRO B 151 -12.23 -4.58 24.06
CA PRO B 151 -12.91 -4.70 22.77
C PRO B 151 -12.44 -5.89 21.95
N TYR B 152 -13.38 -6.53 21.25
CA TYR B 152 -13.09 -7.55 20.26
C TYR B 152 -13.90 -7.30 18.99
N LEU B 153 -13.44 -7.84 17.86
CA LEU B 153 -14.12 -7.67 16.58
C LEU B 153 -14.42 -9.00 15.91
N ASP B 154 -15.63 -9.17 15.42
CA ASP B 154 -15.97 -10.34 14.63
C ASP B 154 -15.55 -10.16 13.18
N ALA B 155 -14.56 -10.95 12.77
CA ALA B 155 -14.11 -10.94 11.39
C ALA B 155 -15.13 -11.66 10.51
N PRO B 156 -15.30 -11.21 9.26
CA PRO B 156 -16.22 -11.91 8.36
C PRO B 156 -15.67 -13.27 7.90
N SER B 157 -14.35 -13.39 7.86
CA SER B 157 -13.70 -14.63 7.44
C SER B 157 -12.52 -14.98 8.35
N GLU B 158 -11.31 -14.71 7.86
CA GLU B 158 -10.11 -15.10 8.58
C GLU B 158 -9.59 -13.91 9.37
N ALA B 159 -9.49 -14.08 10.70
CA ALA B 159 -9.14 -13.00 11.60
C ALA B 159 -7.83 -12.30 11.25
N GLU B 160 -6.78 -13.07 10.94
CA GLU B 160 -5.47 -12.48 10.64
C GLU B 160 -5.49 -11.57 9.42
N ALA B 161 -6.39 -11.86 8.47
CA ALA B 161 -6.59 -11.01 7.30
C ALA B 161 -7.15 -9.67 7.74
N SER B 162 -8.13 -9.72 8.64
CA SER B 162 -8.76 -8.52 9.20
C SER B 162 -7.78 -7.71 10.06
N CYS B 163 -6.88 -8.40 10.75
CA CYS B 163 -5.80 -7.77 11.49
C CYS B 163 -4.96 -6.90 10.54
N ALA B 164 -4.53 -7.51 9.44
CA ALA B 164 -3.78 -6.82 8.39
C ALA B 164 -4.56 -5.62 7.84
N ALA B 165 -5.85 -5.82 7.62
CA ALA B 165 -6.75 -4.76 7.15
C ALA B 165 -6.75 -3.56 8.08
N LEU B 166 -6.73 -3.82 9.39
CA LEU B 166 -6.72 -2.75 10.39
C LEU B 166 -5.39 -2.00 10.43
N VAL B 167 -4.29 -2.68 10.11
CA VAL B 167 -2.99 -2.03 10.04
C VAL B 167 -2.94 -1.10 8.82
N LYS B 168 -3.34 -1.61 7.66
CA LYS B 168 -3.41 -0.84 6.42
C LYS B 168 -4.19 0.46 6.61
N ALA B 169 -5.31 0.36 7.32
CA ALA B 169 -6.22 1.49 7.55
C ALA B 169 -5.75 2.42 8.67
N GLY B 170 -4.69 2.03 9.38
CA GLY B 170 -4.07 2.88 10.41
C GLY B 170 -4.77 2.88 11.77
N LYS B 171 -5.78 2.02 11.92
CA LYS B 171 -6.56 1.95 13.16
C LYS B 171 -5.75 1.35 14.31
N VAL B 172 -4.78 0.49 13.97
CA VAL B 172 -3.81 -0.04 14.92
C VAL B 172 -2.40 0.02 14.33
N TYR B 173 -1.39 -0.11 15.20
CA TYR B 173 0.00 -0.04 14.76
C TYR B 173 0.50 -1.35 14.14
N ALA B 174 0.11 -2.46 14.76
CA ALA B 174 0.65 -3.77 14.40
C ALA B 174 -0.31 -4.91 14.71
N ALA B 175 -0.07 -6.05 14.07
CA ALA B 175 -0.90 -7.24 14.23
C ALA B 175 -0.19 -8.31 15.07
N ALA B 176 -0.81 -8.65 16.21
CA ALA B 176 -0.28 -9.66 17.09
C ALA B 176 -0.78 -11.06 16.75
N THR B 177 0.00 -11.76 15.94
CA THR B 177 -0.22 -13.20 15.70
C THR B 177 1.12 -13.89 15.52
N GLU B 178 1.10 -15.22 15.62
CA GLU B 178 2.25 -16.04 15.24
C GLU B 178 2.10 -16.52 13.80
N ASP B 179 0.85 -16.55 13.33
CA ASP B 179 0.48 -16.97 11.98
C ASP B 179 1.12 -16.08 10.92
N MET B 180 2.03 -16.65 10.14
CA MET B 180 2.84 -15.90 9.18
C MET B 180 2.07 -15.32 8.01
N ASP B 181 0.92 -15.89 7.71
CA ASP B 181 0.14 -15.42 6.57
C ASP B 181 -0.60 -14.10 6.80
N CYS B 182 -0.43 -13.52 7.99
CA CYS B 182 -0.90 -12.15 8.25
C CYS B 182 -0.16 -11.17 7.36
N LEU B 183 1.13 -11.43 7.14
CA LEU B 183 1.94 -10.66 6.20
C LEU B 183 1.49 -10.92 4.77
N THR B 184 1.13 -12.16 4.49
CA THR B 184 0.68 -12.54 3.14
C THR B 184 -0.66 -11.88 2.81
N PHE B 185 -1.47 -11.64 3.83
CA PHE B 185 -2.73 -10.91 3.67
C PHE B 185 -2.51 -9.40 3.55
N GLY B 186 -1.27 -8.98 3.80
CA GLY B 186 -0.87 -7.59 3.61
C GLY B 186 -0.78 -6.74 4.86
N SER B 187 -0.25 -7.31 5.95
CA SER B 187 0.00 -6.54 7.16
C SER B 187 1.36 -5.83 7.05
N PRO B 188 1.36 -4.49 7.10
CA PRO B 188 2.61 -3.73 7.13
C PRO B 188 3.49 -4.07 8.33
N VAL B 189 2.86 -4.30 9.49
CA VAL B 189 3.61 -4.62 10.72
C VAL B 189 3.03 -5.88 11.38
N LEU B 190 3.91 -6.81 11.75
CA LEU B 190 3.53 -8.05 12.42
C LEU B 190 4.31 -8.27 13.71
N MET B 191 3.60 -8.61 14.78
CA MET B 191 4.22 -8.89 16.07
C MET B 191 3.98 -10.33 16.53
N ARG B 192 5.06 -11.09 16.59
CA ARG B 192 5.04 -12.47 17.09
C ARG B 192 5.49 -12.52 18.54
N HIS B 193 5.07 -13.59 19.24
CA HIS B 193 5.51 -13.95 20.60
C HIS B 193 4.81 -13.21 21.71
N LEU B 194 3.82 -12.39 21.37
CA LEU B 194 3.10 -11.61 22.38
C LEU B 194 2.24 -12.50 23.26
N LEU B 202 11.53 -15.84 24.78
CA LEU B 202 11.04 -15.37 23.48
C LEU B 202 10.98 -13.84 23.37
N PRO B 203 11.84 -13.26 22.52
CA PRO B 203 11.77 -11.82 22.24
C PRO B 203 10.56 -11.48 21.37
N ILE B 204 10.02 -10.29 21.58
CA ILE B 204 8.88 -9.80 20.80
C ILE B 204 9.36 -9.31 19.43
N GLN B 205 9.11 -10.13 18.41
CA GLN B 205 9.66 -9.90 17.05
C GLN B 205 8.71 -9.08 16.18
N GLU B 206 9.26 -8.05 15.55
CA GLU B 206 8.50 -7.16 14.65
C GLU B 206 8.86 -7.43 13.20
N PHE B 207 7.84 -7.49 12.35
CA PHE B 207 8.02 -7.83 10.94
C PHE B 207 7.46 -6.75 10.02
N HIS B 208 8.35 -6.09 9.28
CA HIS B 208 7.96 -5.03 8.35
C HIS B 208 7.90 -5.54 6.94
N LEU B 209 6.69 -5.60 6.40
CA LEU B 209 6.44 -6.14 5.06
C LEU B 209 7.09 -5.32 3.94
N SER B 210 7.18 -4.00 4.16
CA SER B 210 7.80 -3.10 3.18
C SER B 210 9.33 -3.14 3.25
N ARG B 211 9.86 -3.98 4.13
CA ARG B 211 11.28 -4.26 4.22
C ARG B 211 11.61 -5.65 3.66
N ILE B 212 10.61 -6.53 3.66
CA ILE B 212 10.72 -7.84 3.02
C ILE B 212 10.67 -7.65 1.50
N LEU B 213 9.65 -6.95 1.04
CA LEU B 213 9.50 -6.60 -0.38
C LEU B 213 10.64 -5.68 -0.85
N GLN B 214 11.34 -5.10 0.13
CA GLN B 214 12.48 -4.23 -0.11
C GLN B 214 13.73 -5.05 -0.39
N GLU B 215 14.16 -5.81 0.61
CA GLU B 215 15.39 -6.60 0.53
C GLU B 215 15.31 -7.73 -0.50
N LEU B 216 14.14 -8.37 -0.61
CA LEU B 216 13.93 -9.39 -1.62
C LEU B 216 13.69 -8.79 -3.00
N GLY B 217 13.22 -7.54 -3.02
CA GLY B 217 12.89 -6.85 -4.27
C GLY B 217 11.72 -7.50 -4.99
N LEU B 218 10.55 -7.47 -4.37
CA LEU B 218 9.34 -8.09 -4.91
C LEU B 218 8.13 -7.20 -4.67
N ASN B 219 7.14 -7.28 -5.55
CA ASN B 219 5.83 -6.71 -5.28
C ASN B 219 5.04 -7.64 -4.36
N GLN B 220 4.09 -7.08 -3.62
CA GLN B 220 3.29 -7.87 -2.69
C GLN B 220 2.55 -9.00 -3.41
N GLU B 221 2.25 -8.77 -4.68
CA GLU B 221 1.65 -9.80 -5.53
C GLU B 221 2.57 -11.01 -5.65
N GLN B 222 3.86 -10.74 -5.84
CA GLN B 222 4.87 -11.81 -5.96
C GLN B 222 5.13 -12.48 -4.61
N PHE B 223 5.10 -11.69 -3.55
CA PHE B 223 5.30 -12.20 -2.19
C PHE B 223 4.23 -13.23 -1.85
N VAL B 224 2.99 -12.94 -2.22
CA VAL B 224 1.88 -13.89 -2.11
C VAL B 224 2.22 -15.21 -2.82
N ASP B 225 2.78 -15.09 -4.02
CA ASP B 225 3.21 -16.24 -4.82
C ASP B 225 4.34 -17.03 -4.15
N LEU B 226 5.36 -16.32 -3.68
CA LEU B 226 6.47 -16.91 -2.94
C LEU B 226 5.98 -17.65 -1.70
N CYS B 227 5.05 -17.03 -0.97
CA CYS B 227 4.42 -17.62 0.21
C CYS B 227 3.73 -18.95 -0.10
N ILE B 228 2.98 -18.98 -1.19
CA ILE B 228 2.25 -20.18 -1.61
C ILE B 228 3.22 -21.33 -1.93
N LEU B 229 4.33 -21.01 -2.59
CA LEU B 229 5.38 -21.97 -2.92
C LEU B 229 6.04 -22.58 -1.69
N LEU B 230 6.14 -21.79 -0.62
CA LEU B 230 6.70 -22.24 0.66
C LEU B 230 5.76 -23.21 1.37
N GLY B 231 4.47 -23.12 1.03
CA GLY B 231 3.44 -23.98 1.59
C GLY B 231 2.50 -23.21 2.50
N SER B 232 1.38 -22.77 1.94
CA SER B 232 0.32 -22.14 2.72
C SER B 232 -0.70 -23.21 3.11
N ASP B 233 -1.83 -22.78 3.69
CA ASP B 233 -2.91 -23.67 4.08
C ASP B 233 -3.81 -24.04 2.90
N TYR B 234 -4.04 -23.07 2.02
CA TYR B 234 -5.02 -23.18 0.94
C TYR B 234 -4.70 -24.25 -0.10
N CYS B 235 -3.42 -24.43 -0.38
CA CYS B 235 -3.01 -25.35 -1.45
C CYS B 235 -1.63 -25.95 -1.22
N GLU B 236 -1.43 -27.10 -1.87
CA GLU B 236 -0.18 -27.84 -1.82
C GLU B 236 0.96 -27.04 -2.47
N SER B 237 2.19 -27.37 -2.08
CA SER B 237 3.38 -26.75 -2.65
C SER B 237 4.04 -27.72 -3.64
N ILE B 238 5.19 -27.34 -4.20
CA ILE B 238 5.92 -28.22 -5.13
C ILE B 238 7.11 -28.92 -4.46
N ARG B 239 7.10 -30.24 -4.51
CA ARG B 239 8.16 -31.06 -3.92
C ARG B 239 9.47 -30.89 -4.70
N GLY B 240 10.53 -30.57 -3.98
CA GLY B 240 11.83 -30.28 -4.59
C GLY B 240 12.13 -28.79 -4.58
N ILE B 241 11.07 -27.98 -4.48
CA ILE B 241 11.21 -26.52 -4.39
C ILE B 241 11.42 -26.08 -2.94
N GLY B 242 12.68 -25.82 -2.59
CA GLY B 242 13.04 -25.33 -1.27
C GLY B 242 12.65 -23.88 -1.08
N PRO B 243 12.60 -23.42 0.19
CA PRO B 243 12.31 -22.02 0.50
C PRO B 243 13.18 -21.03 -0.27
N LYS B 244 14.50 -21.26 -0.25
CA LYS B 244 15.46 -20.42 -0.95
C LYS B 244 15.37 -20.56 -2.49
N ARG B 245 15.00 -21.75 -2.94
CA ARG B 245 14.73 -22.01 -4.35
C ARG B 245 13.50 -21.21 -4.82
N ALA B 246 12.54 -21.02 -3.93
CA ALA B 246 11.31 -20.29 -4.25
C ALA B 246 11.55 -18.78 -4.40
N VAL B 247 12.49 -18.24 -3.63
CA VAL B 247 12.87 -16.82 -3.72
C VAL B 247 13.59 -16.54 -5.05
N ASP B 248 14.40 -17.51 -5.47
CA ASP B 248 15.16 -17.42 -6.71
C ASP B 248 14.26 -17.42 -7.94
N LEU B 249 13.36 -18.39 -8.01
CA LEU B 249 12.48 -18.60 -9.16
C LEU B 249 11.50 -17.45 -9.41
N ILE B 250 10.95 -16.89 -8.32
CA ILE B 250 9.96 -15.80 -8.40
C ILE B 250 10.55 -14.52 -9.00
N GLN B 251 11.82 -14.23 -8.69
CA GLN B 251 12.50 -13.04 -9.20
C GLN B 251 12.73 -13.09 -10.72
N LYS B 252 13.08 -14.27 -11.22
CA LYS B 252 13.38 -14.45 -12.65
C LYS B 252 12.13 -14.68 -13.51
N HIS B 253 11.01 -15.02 -12.89
CA HIS B 253 9.77 -15.35 -13.61
C HIS B 253 8.56 -14.55 -13.17
N LYS B 254 8.71 -13.85 -12.04
CA LYS B 254 7.71 -12.89 -11.54
C LYS B 254 6.35 -13.47 -11.12
N SER B 255 6.09 -14.72 -11.47
CA SER B 255 4.83 -15.37 -11.11
C SER B 255 5.00 -16.88 -11.02
N ILE B 256 4.06 -17.53 -10.32
CA ILE B 256 3.96 -18.98 -10.33
C ILE B 256 3.58 -19.44 -11.75
N GLU B 257 2.72 -18.66 -12.40
CA GLU B 257 2.23 -18.96 -13.74
C GLU B 257 3.40 -19.14 -14.72
N GLU B 258 4.29 -18.17 -14.75
CA GLU B 258 5.47 -18.22 -15.62
C GLU B 258 6.51 -19.25 -15.15
N ILE B 259 6.46 -19.60 -13.87
CA ILE B 259 7.36 -20.61 -13.32
C ILE B 259 7.05 -22.01 -13.87
N VAL B 260 5.77 -22.36 -13.94
CA VAL B 260 5.34 -23.60 -14.58
C VAL B 260 5.57 -23.52 -16.09
N ARG B 261 5.61 -22.28 -16.60
CA ARG B 261 5.86 -22.01 -18.03
C ARG B 261 7.36 -21.91 -18.33
N ARG B 262 8.20 -22.38 -17.42
CA ARG B 262 9.65 -22.36 -17.59
C ARG B 262 10.33 -23.56 -16.91
N LEU B 263 9.84 -23.95 -15.74
CA LEU B 263 10.32 -25.15 -15.04
C LEU B 263 9.77 -26.39 -15.72
N ASP B 264 10.58 -27.45 -15.80
CA ASP B 264 10.18 -28.66 -16.50
C ASP B 264 9.22 -29.52 -15.67
N PRO B 265 8.19 -30.11 -16.31
CA PRO B 265 7.16 -30.88 -15.60
C PRO B 265 7.60 -32.27 -15.17
N ASN B 266 8.70 -32.76 -15.74
CA ASN B 266 9.21 -34.10 -15.45
C ASN B 266 9.87 -34.19 -14.08
N LYS B 267 10.75 -33.24 -13.78
CA LYS B 267 11.48 -33.22 -12.51
C LYS B 267 10.61 -32.73 -11.36
N TYR B 268 9.92 -31.63 -11.57
CA TYR B 268 9.06 -31.02 -10.55
C TYR B 268 7.58 -31.20 -10.88
N PRO B 269 6.86 -31.99 -10.06
CA PRO B 269 5.49 -32.37 -10.37
C PRO B 269 4.45 -31.43 -9.75
N VAL B 270 3.88 -30.55 -10.56
CA VAL B 270 2.76 -29.71 -10.14
C VAL B 270 1.53 -30.60 -9.92
N PRO B 271 1.04 -30.65 -8.66
CA PRO B 271 -0.09 -31.51 -8.32
C PRO B 271 -1.35 -31.19 -9.12
N GLU B 272 -2.09 -32.23 -9.50
CA GLU B 272 -3.28 -32.07 -10.33
C GLU B 272 -4.42 -31.37 -9.60
N ASN B 273 -5.23 -30.64 -10.38
CA ASN B 273 -6.26 -29.73 -9.84
C ASN B 273 -5.67 -28.76 -8.81
N TRP B 274 -4.51 -28.19 -9.15
CA TRP B 274 -3.79 -27.29 -8.27
C TRP B 274 -4.49 -25.96 -8.12
N LEU B 275 -4.47 -25.42 -6.91
CA LEU B 275 -5.26 -24.23 -6.59
C LEU B 275 -4.44 -23.00 -6.24
N HIS B 276 -3.31 -22.80 -6.92
CA HIS B 276 -2.44 -21.66 -6.65
C HIS B 276 -3.12 -20.33 -6.89
N LYS B 277 -3.87 -20.23 -7.99
CA LYS B 277 -4.56 -19.00 -8.38
C LYS B 277 -5.78 -18.72 -7.48
N GLU B 278 -6.36 -19.79 -6.94
CA GLU B 278 -7.41 -19.69 -5.93
C GLU B 278 -6.85 -19.01 -4.68
N ALA B 279 -5.72 -19.53 -4.20
CA ALA B 279 -5.03 -18.98 -3.03
C ALA B 279 -4.48 -17.59 -3.29
N HIS B 280 -3.90 -17.39 -4.47
CA HIS B 280 -3.40 -16.09 -4.92
C HIS B 280 -4.44 -15.02 -4.73
N GLN B 281 -5.66 -15.30 -5.22
CA GLN B 281 -6.82 -14.40 -5.13
C GLN B 281 -7.31 -14.27 -3.69
N LEU B 282 -7.25 -15.37 -2.94
CA LEU B 282 -7.77 -15.42 -1.58
C LEU B 282 -6.84 -14.72 -0.59
N PHE B 283 -5.56 -14.66 -0.93
CA PHE B 283 -4.57 -13.90 -0.17
C PHE B 283 -4.58 -12.44 -0.58
N LEU B 284 -4.53 -12.19 -1.90
CA LEU B 284 -4.39 -10.85 -2.46
C LEU B 284 -5.65 -9.99 -2.29
N GLU B 285 -6.82 -10.62 -2.43
CA GLU B 285 -8.10 -9.96 -2.20
C GLU B 285 -8.93 -10.80 -1.21
N PRO B 286 -8.73 -10.57 0.11
CA PRO B 286 -9.40 -11.37 1.14
C PRO B 286 -10.65 -10.71 1.69
N GLU B 287 -11.53 -11.51 2.29
CA GLU B 287 -12.72 -10.99 2.96
C GLU B 287 -12.34 -10.44 4.34
N VAL B 288 -12.48 -9.13 4.49
CA VAL B 288 -12.04 -8.40 5.68
C VAL B 288 -13.13 -7.46 6.21
N LEU B 289 -13.15 -7.26 7.52
CA LEU B 289 -14.07 -6.30 8.14
C LEU B 289 -13.70 -4.88 7.73
N ASP B 290 -14.72 -4.10 7.33
CA ASP B 290 -14.52 -2.69 6.96
C ASP B 290 -13.92 -1.91 8.15
N PRO B 291 -12.60 -1.67 8.11
CA PRO B 291 -11.90 -1.10 9.27
C PRO B 291 -12.39 0.30 9.65
N GLU B 292 -12.99 1.02 8.70
CA GLU B 292 -13.51 2.35 8.97
C GLU B 292 -14.80 2.34 9.77
N SER B 293 -15.53 1.23 9.74
CA SER B 293 -16.74 1.03 10.54
C SER B 293 -16.42 0.84 12.02
N VAL B 294 -15.16 0.54 12.30
CA VAL B 294 -14.72 0.11 13.62
C VAL B 294 -14.64 1.27 14.62
N GLU B 295 -15.30 1.09 15.76
CA GLU B 295 -15.22 2.04 16.88
C GLU B 295 -14.93 1.24 18.16
N LEU B 296 -13.72 1.39 18.68
CA LEU B 296 -13.24 0.55 19.77
C LEU B 296 -13.25 1.24 21.12
N LYS B 297 -13.76 0.52 22.13
CA LYS B 297 -13.89 1.07 23.47
C LYS B 297 -13.29 0.13 24.51
N TRP B 298 -12.33 0.66 25.27
CA TRP B 298 -11.82 -0.02 26.47
C TRP B 298 -12.53 0.57 27.64
N SER B 299 -13.30 -0.26 28.34
CA SER B 299 -14.08 0.19 29.48
C SER B 299 -13.65 -0.48 30.78
N GLU B 300 -14.20 0.01 31.89
CA GLU B 300 -13.99 -0.61 33.19
C GLU B 300 -14.57 -2.02 33.23
N PRO B 301 -13.79 -3.00 33.74
CA PRO B 301 -14.25 -4.37 33.87
C PRO B 301 -15.35 -4.52 34.93
N ASN B 302 -16.35 -5.34 34.63
CA ASN B 302 -17.41 -5.63 35.58
C ASN B 302 -16.95 -6.69 36.59
N GLU B 303 -16.46 -6.23 37.74
CA GLU B 303 -15.86 -7.11 38.76
C GLU B 303 -16.80 -8.20 39.26
N GLU B 304 -18.01 -7.79 39.60
CA GLU B 304 -19.02 -8.70 40.12
C GLU B 304 -19.41 -9.77 39.11
N GLU B 305 -19.73 -9.35 37.88
CA GLU B 305 -20.08 -10.27 36.82
C GLU B 305 -18.88 -11.15 36.43
N LEU B 306 -17.67 -10.60 36.62
CA LEU B 306 -16.44 -11.32 36.36
C LEU B 306 -16.24 -12.38 37.44
N ILE B 307 -16.73 -12.08 38.65
CA ILE B 307 -16.67 -13.00 39.77
C ILE B 307 -17.66 -14.15 39.56
N LYS B 308 -18.92 -13.80 39.29
CA LYS B 308 -19.98 -14.80 39.09
C LYS B 308 -19.69 -15.69 37.88
N PHE B 309 -18.81 -15.23 37.00
CA PHE B 309 -18.42 -16.02 35.83
C PHE B 309 -17.14 -16.83 36.05
N MET B 310 -16.01 -16.13 36.21
CA MET B 310 -14.69 -16.77 36.34
C MET B 310 -14.56 -17.67 37.56
N CYS B 311 -14.87 -17.15 38.74
CA CYS B 311 -14.84 -17.97 39.97
C CYS B 311 -16.20 -18.56 40.31
N GLY B 312 -17.24 -18.02 39.70
CA GLY B 312 -18.61 -18.50 39.92
C GLY B 312 -18.88 -19.83 39.25
N GLU B 313 -19.00 -19.80 37.92
CA GLU B 313 -19.26 -21.03 37.16
C GLU B 313 -17.96 -21.70 36.72
N LYS B 314 -16.91 -20.91 36.47
CA LYS B 314 -15.65 -21.45 35.93
C LYS B 314 -14.60 -21.84 36.98
N GLN B 315 -14.95 -21.63 38.26
CA GLN B 315 -14.19 -22.17 39.40
C GLN B 315 -12.75 -21.64 39.56
N PHE B 316 -12.51 -20.39 39.17
CA PHE B 316 -11.21 -19.77 39.42
C PHE B 316 -11.06 -19.26 40.85
N SER B 317 -9.83 -18.92 41.23
CA SER B 317 -9.55 -18.40 42.56
C SER B 317 -10.01 -16.95 42.65
N GLU B 318 -10.88 -16.67 43.63
CA GLU B 318 -11.52 -15.36 43.77
C GLU B 318 -10.50 -14.25 44.04
N GLU B 319 -9.54 -14.53 44.91
CA GLU B 319 -8.45 -13.60 45.20
C GLU B 319 -7.72 -13.22 43.91
N ARG B 320 -7.34 -14.24 43.14
CA ARG B 320 -6.62 -14.05 41.88
C ARG B 320 -7.43 -13.24 40.86
N ILE B 321 -8.73 -13.53 40.77
CA ILE B 321 -9.63 -12.81 39.88
C ILE B 321 -9.78 -11.36 40.34
N ARG B 322 -10.20 -11.17 41.59
CA ARG B 322 -10.41 -9.84 42.15
C ARG B 322 -9.12 -9.01 42.06
N SER B 323 -7.99 -9.62 42.38
CA SER B 323 -6.67 -9.00 42.20
C SER B 323 -6.39 -8.59 40.76
N GLY B 324 -6.61 -9.51 39.83
CA GLY B 324 -6.48 -9.24 38.40
C GLY B 324 -7.31 -8.05 37.97
N VAL B 325 -8.55 -8.00 38.44
CA VAL B 325 -9.45 -6.87 38.17
C VAL B 325 -8.89 -5.54 38.69
N LYS B 326 -8.23 -5.57 39.85
CA LYS B 326 -7.51 -4.39 40.33
C LYS B 326 -6.35 -4.04 39.39
N ARG B 327 -5.58 -5.06 38.98
CA ARG B 327 -4.49 -4.87 38.00
C ARG B 327 -4.98 -4.22 36.71
N LEU B 328 -6.06 -4.77 36.14
CA LEU B 328 -6.71 -4.25 34.95
C LEU B 328 -7.25 -2.83 35.15
N SER B 329 -7.87 -2.59 36.29
CA SER B 329 -8.39 -1.27 36.67
C SER B 329 -7.28 -0.22 36.80
N LYS B 330 -6.12 -0.65 37.32
CA LYS B 330 -4.96 0.23 37.44
C LYS B 330 -4.34 0.49 36.08
N SER B 331 -4.28 -0.55 35.25
CA SER B 331 -3.74 -0.44 33.89
C SER B 331 -4.60 0.47 33.02
N ARG B 332 -5.93 0.33 33.12
CA ARG B 332 -6.88 1.18 32.40
C ARG B 332 -6.71 2.67 32.71
N GLN B 333 -6.55 3.00 34.00
CA GLN B 333 -6.29 4.37 34.42
C GLN B 333 -4.93 4.86 33.92
N GLY B 334 -3.97 3.93 33.82
CA GLY B 334 -2.62 4.26 33.33
C GLY B 334 -2.59 4.79 31.91
N SER B 335 -3.58 4.40 31.11
CA SER B 335 -3.74 4.91 29.75
C SER B 335 -5.14 5.50 29.51
#